data_1QQA
#
_entry.id   1QQA
#
_cell.length_a   176.230
_cell.length_b   95.780
_cell.length_c   80.370
_cell.angle_alpha   90.00
_cell.angle_beta   90.00
_cell.angle_gamma   90.00
#
_symmetry.space_group_name_H-M   'C 2 2 21'
#
loop_
_entity.id
_entity.type
_entity.pdbx_description
1 polymer "DNA (5'-D(*TP*AP*CP*GP*CP*AP*AP*GP*CP*GP*CP*TP*TP*GP*CP*GP*T)-3')"
2 polymer 'PROTEIN (PURINE NUCLEOTIDE SYNTHESIS REPRESSOR)'
3 non-polymer HYPOXANTHINE
4 water water
#
loop_
_entity_poly.entity_id
_entity_poly.type
_entity_poly.pdbx_seq_one_letter_code
_entity_poly.pdbx_strand_id
1 'polydeoxyribonucleotide' (DT)(DA)(DC)(DG)(DC)(DA)(DA)(DG)(DC)(DG)(DC)(DT)(DT)(DG)(DC)(DG)(DT) M
2 'polypeptide(L)'
;ATIKDVAKRANVSTTTVSHVINKTRFVAEETRNAVWAAIKELHYSPSAVARSLAVNHTKSIGLLATSSEAAYFAEIIEAV
EKNCFQKGYTLILGNAWNNLEKQRAYLSMMAQKRVDGLLVMCSEYPEPLLAMLEEYRHIPMVVMDWGEAKADFTDAVIDN
AFEGGYMAGRYLIERGHREIGVIPGPLERNTGAGRLAGFMKAMEEAMIKVPESWIVQGDFEPESGYRAMQQILSQPHRPT
AVFCGGDIMAMGALCAADEMGLRVPQDVSLIGYDNVRNARYFTPALTTIHQPKDSLGETAFNMLLDRIVNKREEPQSIEV
HPRLIERRSVADGPFRDYRR
;
A
#
loop_
_chem_comp.id
_chem_comp.type
_chem_comp.name
_chem_comp.formula
DA DNA linking 2'-DEOXYADENOSINE-5'-MONOPHOSPHATE 'C10 H14 N5 O6 P'
DC DNA linking 2'-DEOXYCYTIDINE-5'-MONOPHOSPHATE 'C9 H14 N3 O7 P'
DG DNA linking 2'-DEOXYGUANOSINE-5'-MONOPHOSPHATE 'C10 H14 N5 O7 P'
DT DNA linking THYMIDINE-5'-MONOPHOSPHATE 'C10 H15 N2 O8 P'
HPA non-polymer HYPOXANTHINE 'C5 H4 N4 O'
#
# COMPACT_ATOMS: atom_id res chain seq x y z
N THR B 2 27.89 20.56 21.94
CA THR B 2 27.32 20.23 23.25
C THR B 2 27.96 18.96 23.70
N ILE B 3 28.42 18.11 22.80
CA ILE B 3 29.10 16.93 23.32
C ILE B 3 30.37 17.40 24.05
N LYS B 4 30.86 18.60 23.71
CA LYS B 4 32.04 19.18 24.34
C LYS B 4 31.66 19.43 25.75
N ASP B 5 30.47 19.97 25.88
CA ASP B 5 29.98 20.29 27.20
C ASP B 5 29.88 19.06 28.08
N VAL B 6 29.57 17.92 27.50
CA VAL B 6 29.49 16.75 28.38
C VAL B 6 30.89 16.30 28.76
N ALA B 7 31.72 16.22 27.74
CA ALA B 7 33.09 15.79 27.93
C ALA B 7 33.81 16.54 29.08
N LYS B 8 33.59 17.84 29.14
CA LYS B 8 34.26 18.60 30.15
C LYS B 8 33.68 18.53 31.54
N ARG B 9 32.40 18.25 31.60
CA ARG B 9 31.83 18.15 32.90
C ARG B 9 32.44 16.87 33.43
N ALA B 10 32.59 15.89 32.57
CA ALA B 10 33.12 14.61 32.98
C ALA B 10 34.62 14.52 32.93
N ASN B 11 35.23 15.61 32.51
CA ASN B 11 36.67 15.68 32.38
C ASN B 11 37.23 14.51 31.65
N VAL B 12 36.80 14.38 30.40
CA VAL B 12 37.27 13.32 29.54
C VAL B 12 37.15 13.93 28.19
N SER B 13 37.74 13.28 27.22
CA SER B 13 37.61 13.83 25.90
C SER B 13 36.25 13.49 25.41
N THR B 14 35.92 14.11 24.30
CA THR B 14 34.64 13.92 23.68
C THR B 14 34.64 12.55 23.04
N THR B 15 35.83 12.15 22.57
CA THR B 15 35.99 10.87 21.92
C THR B 15 35.43 9.89 22.91
N THR B 16 35.83 10.12 24.17
CA THR B 16 35.41 9.27 25.21
C THR B 16 33.90 9.29 25.22
N VAL B 17 33.36 10.44 25.61
CA VAL B 17 31.90 10.62 25.65
C VAL B 17 31.29 9.92 24.49
N SER B 18 31.83 10.17 23.31
CA SER B 18 31.26 9.49 22.20
C SER B 18 31.21 7.98 22.46
N HIS B 19 32.36 7.33 22.47
CA HIS B 19 32.37 5.90 22.69
C HIS B 19 31.44 5.30 23.70
N VAL B 20 31.30 5.97 24.83
CA VAL B 20 30.45 5.40 25.84
C VAL B 20 29.01 5.42 25.42
N ILE B 21 28.65 6.51 24.78
CA ILE B 21 27.31 6.68 24.29
C ILE B 21 26.95 5.58 23.31
N ASN B 22 27.91 5.13 22.53
CA ASN B 22 27.59 4.09 21.58
C ASN B 22 28.28 2.78 21.80
N LYS B 23 28.78 2.56 23.03
CA LYS B 23 29.45 1.31 23.41
C LYS B 23 30.31 0.90 22.25
N THR B 24 31.15 1.80 21.87
CA THR B 24 31.91 1.48 20.71
C THR B 24 33.36 0.98 20.85
N ARG B 25 33.80 1.02 22.08
CA ARG B 25 35.13 0.57 22.46
C ARG B 25 35.02 0.54 24.01
N PHE B 26 35.86 -0.22 24.73
CA PHE B 26 35.75 -0.27 26.20
C PHE B 26 36.03 1.01 27.01
N VAL B 27 35.21 1.25 28.03
CA VAL B 27 35.44 2.41 28.86
C VAL B 27 35.41 1.98 30.30
N ALA B 28 36.18 2.66 31.10
CA ALA B 28 36.22 2.36 32.50
C ALA B 28 34.84 2.67 33.06
N GLU B 29 34.44 1.84 34.02
CA GLU B 29 33.15 1.99 34.68
C GLU B 29 33.01 3.39 35.20
N GLU B 30 33.96 3.78 36.06
CA GLU B 30 33.95 5.12 36.62
C GLU B 30 33.67 6.08 35.50
N THR B 31 34.64 6.11 34.59
CA THR B 31 34.60 6.94 33.43
C THR B 31 33.19 6.88 32.84
N ARG B 32 32.76 5.67 32.57
CA ARG B 32 31.47 5.50 32.04
C ARG B 32 30.42 6.23 32.87
N ASN B 33 30.42 6.00 34.17
CA ASN B 33 29.42 6.65 35.04
C ASN B 33 29.41 8.16 34.97
N ALA B 34 30.62 8.68 35.10
CA ALA B 34 30.89 10.09 35.04
C ALA B 34 30.15 10.74 33.86
N VAL B 35 30.39 10.13 32.71
CA VAL B 35 29.82 10.57 31.50
C VAL B 35 28.32 10.51 31.57
N TRP B 36 27.83 9.38 32.02
CA TRP B 36 26.42 9.29 32.10
C TRP B 36 25.88 10.40 32.93
N ALA B 37 26.49 10.62 34.08
CA ALA B 37 26.03 11.67 34.96
C ALA B 37 25.98 13.02 34.25
N ALA B 38 27.11 13.36 33.66
CA ALA B 38 27.23 14.60 32.95
C ALA B 38 26.10 14.63 31.97
N ILE B 39 25.95 13.54 31.21
CA ILE B 39 24.90 13.46 30.21
C ILE B 39 23.62 13.78 30.84
N LYS B 40 23.39 13.19 31.98
CA LYS B 40 22.14 13.48 32.63
C LYS B 40 21.95 14.92 33.08
N GLU B 41 22.81 15.44 33.95
CA GLU B 41 22.59 16.83 34.35
C GLU B 41 22.51 17.75 33.16
N LEU B 42 23.41 17.60 32.22
CA LEU B 42 23.33 18.50 31.07
C LEU B 42 22.05 18.35 30.28
N HIS B 43 21.39 17.22 30.52
CA HIS B 43 20.16 16.94 29.83
C HIS B 43 20.60 16.95 28.40
N TYR B 44 21.37 15.91 28.05
CA TYR B 44 21.94 15.78 26.72
C TYR B 44 21.28 14.91 25.65
N SER B 45 20.95 15.57 24.55
CA SER B 45 20.37 14.85 23.49
C SER B 45 21.44 14.95 22.43
N PRO B 46 22.04 13.84 22.12
CA PRO B 46 23.08 13.81 21.12
C PRO B 46 22.40 14.25 19.83
N SER B 47 23.09 14.92 18.91
CA SER B 47 22.43 15.35 17.68
C SER B 47 22.57 14.30 16.58
N ALA B 48 21.43 13.96 15.96
CA ALA B 48 21.41 12.94 14.91
C ALA B 48 21.92 13.46 13.63
N VAL B 49 21.74 14.76 13.45
CA VAL B 49 22.16 15.35 12.20
C VAL B 49 23.66 15.41 12.08
N ALA B 50 24.28 15.74 13.22
CA ALA B 50 25.71 15.84 13.29
C ALA B 50 26.13 14.41 13.02
N ARG B 51 25.55 13.52 13.81
CA ARG B 51 25.92 12.16 13.58
C ARG B 51 25.70 11.71 12.15
N SER B 52 24.61 12.12 11.57
CA SER B 52 24.36 11.67 10.23
C SER B 52 25.43 12.13 9.32
N LEU B 53 25.75 13.43 9.47
CA LEU B 53 26.79 14.10 8.69
C LEU B 53 28.08 13.29 8.76
N ALA B 54 28.41 12.89 9.96
CA ALA B 54 29.58 12.09 10.12
C ALA B 54 29.53 10.69 9.54
N VAL B 55 28.57 9.86 9.98
CA VAL B 55 28.44 8.47 9.52
C VAL B 55 27.87 8.19 8.15
N ASN B 56 27.26 9.19 7.51
CA ASN B 56 26.68 9.03 6.17
C ASN B 56 25.42 8.19 5.91
N HIS B 57 24.43 8.36 6.78
CA HIS B 57 23.15 7.68 6.65
C HIS B 57 22.28 8.26 7.70
N THR B 58 21.04 8.48 7.34
CA THR B 58 20.11 9.11 8.27
C THR B 58 19.28 8.19 9.13
N LYS B 59 19.29 6.91 8.80
CA LYS B 59 18.49 5.99 9.52
C LYS B 59 17.04 6.48 9.50
N SER B 60 16.59 6.86 8.32
CA SER B 60 15.23 7.30 8.20
C SER B 60 14.90 6.95 6.74
N ILE B 61 13.62 6.59 6.51
CA ILE B 61 13.13 6.23 5.20
C ILE B 61 11.91 7.02 4.70
N GLY B 62 11.85 7.18 3.39
CA GLY B 62 10.80 7.96 2.76
C GLY B 62 9.73 7.14 2.11
N LEU B 63 8.51 7.63 2.26
CA LEU B 63 7.37 6.96 1.69
C LEU B 63 6.73 8.02 0.84
N LEU B 64 6.92 7.81 -0.47
CA LEU B 64 6.34 8.70 -1.43
C LEU B 64 5.08 7.99 -1.78
N ALA B 65 4.02 8.51 -1.22
CA ALA B 65 2.74 7.96 -1.40
C ALA B 65 1.92 8.78 -2.34
N THR B 66 0.65 8.44 -2.32
CA THR B 66 -0.36 9.03 -3.12
C THR B 66 -1.30 9.85 -2.31
N SER B 67 -1.94 9.19 -1.37
CA SER B 67 -2.93 9.80 -0.48
C SER B 67 -2.80 8.87 0.75
N SER B 68 -3.20 9.36 1.90
CA SER B 68 -3.08 8.52 3.03
C SER B 68 -4.41 8.24 3.71
N GLU B 69 -5.46 9.06 3.47
CA GLU B 69 -6.77 8.84 4.15
C GLU B 69 -7.40 7.52 3.79
N ALA B 70 -7.36 7.21 2.53
CA ALA B 70 -7.91 5.97 2.08
C ALA B 70 -7.55 4.74 2.87
N ALA B 71 -8.62 4.07 3.28
CA ALA B 71 -8.51 2.84 4.04
C ALA B 71 -7.39 1.97 3.55
N TYR B 72 -7.41 1.74 2.26
CA TYR B 72 -6.46 0.87 1.66
C TYR B 72 -5.05 1.34 1.97
N PHE B 73 -4.86 2.62 1.69
CA PHE B 73 -3.58 3.19 1.88
C PHE B 73 -3.15 3.24 3.26
N ALA B 74 -4.07 3.81 3.98
CA ALA B 74 -3.87 4.01 5.36
C ALA B 74 -3.38 2.68 6.00
N GLU B 75 -4.08 1.63 5.63
CA GLU B 75 -3.72 0.40 6.18
C GLU B 75 -2.29 -0.04 5.89
N ILE B 76 -1.88 0.18 4.64
CA ILE B 76 -0.53 -0.21 4.24
C ILE B 76 0.49 0.56 5.09
N ILE B 77 0.35 1.86 4.97
CA ILE B 77 1.23 2.74 5.64
C ILE B 77 1.44 2.44 7.10
N GLU B 78 0.34 2.24 7.81
CA GLU B 78 0.46 1.95 9.20
C GLU B 78 1.39 0.77 9.43
N ALA B 79 1.32 -0.18 8.53
CA ALA B 79 2.16 -1.38 8.59
C ALA B 79 3.60 -0.95 8.48
N VAL B 80 3.88 -0.22 7.40
CA VAL B 80 5.20 0.25 7.18
C VAL B 80 5.80 0.88 8.47
N GLU B 81 5.12 1.88 9.02
CA GLU B 81 5.61 2.53 10.21
C GLU B 81 6.06 1.52 11.27
N LYS B 82 5.23 0.52 11.57
CA LYS B 82 5.61 -0.51 12.58
C LYS B 82 6.99 -1.04 12.26
N ASN B 83 7.17 -1.40 11.00
CA ASN B 83 8.43 -1.93 10.61
C ASN B 83 9.57 -0.96 10.79
N CYS B 84 9.31 0.28 10.44
CA CYS B 84 10.34 1.27 10.56
C CYS B 84 10.77 1.33 12.01
N PHE B 85 9.81 1.61 12.87
CA PHE B 85 10.04 1.71 14.30
C PHE B 85 10.85 0.56 14.84
N GLN B 86 10.38 -0.60 14.50
CA GLN B 86 11.00 -1.81 14.95
C GLN B 86 12.47 -1.99 14.66
N LYS B 87 12.95 -1.39 13.59
CA LYS B 87 14.35 -1.51 13.19
C LYS B 87 14.95 -0.15 13.34
N GLY B 88 14.34 0.64 14.21
CA GLY B 88 14.82 2.00 14.45
C GLY B 88 14.84 2.97 13.23
N TYR B 89 13.98 2.80 12.24
CA TYR B 89 14.02 3.76 11.16
C TYR B 89 13.00 4.86 11.37
N THR B 90 13.28 5.99 10.76
CA THR B 90 12.34 7.07 10.87
C THR B 90 11.51 7.18 9.58
N LEU B 91 10.23 7.51 9.71
CA LEU B 91 9.38 7.57 8.53
C LEU B 91 8.95 8.94 8.06
N ILE B 92 9.28 9.20 6.79
CA ILE B 92 8.89 10.47 6.23
C ILE B 92 7.77 10.14 5.27
N LEU B 93 6.59 10.61 5.62
CA LEU B 93 5.45 10.32 4.81
C LEU B 93 5.25 11.43 3.80
N GLY B 94 5.12 11.13 2.51
CA GLY B 94 4.90 12.22 1.56
C GLY B 94 3.84 11.85 0.50
N ASN B 95 2.70 12.57 0.47
CA ASN B 95 1.64 12.23 -0.51
C ASN B 95 1.71 13.17 -1.69
N ALA B 96 1.94 12.64 -2.91
CA ALA B 96 2.04 13.46 -4.14
C ALA B 96 0.77 13.65 -4.90
N TRP B 97 -0.25 12.98 -4.41
CA TRP B 97 -1.58 13.10 -4.99
C TRP B 97 -1.60 12.92 -6.46
N ASN B 98 -0.79 11.99 -6.90
CA ASN B 98 -0.75 11.73 -8.32
C ASN B 98 -0.44 13.01 -9.10
N ASN B 99 0.44 13.84 -8.57
CA ASN B 99 0.75 15.04 -9.29
C ASN B 99 2.24 15.09 -9.46
N LEU B 100 2.64 15.19 -10.71
CA LEU B 100 4.05 15.26 -11.09
C LEU B 100 4.88 16.28 -10.27
N GLU B 101 4.42 17.52 -10.37
CA GLU B 101 5.09 18.61 -9.71
C GLU B 101 5.28 18.26 -8.26
N LYS B 102 4.17 17.87 -7.65
CA LYS B 102 4.15 17.49 -6.27
C LYS B 102 5.11 16.35 -6.20
N GLN B 103 5.03 15.44 -7.14
CA GLN B 103 5.95 14.37 -6.98
C GLN B 103 7.39 14.71 -7.18
N ARG B 104 7.68 15.56 -8.16
CA ARG B 104 9.10 15.92 -8.34
C ARG B 104 9.53 16.59 -7.04
N ALA B 105 8.67 17.47 -6.58
CA ALA B 105 8.93 18.19 -5.37
C ALA B 105 9.28 17.31 -4.14
N TYR B 106 8.41 16.37 -3.84
CA TYR B 106 8.66 15.54 -2.68
C TYR B 106 9.91 14.73 -2.91
N LEU B 107 10.06 14.26 -4.13
CA LEU B 107 11.20 13.45 -4.45
C LEU B 107 12.55 14.19 -4.11
N SER B 108 12.66 15.45 -4.50
CA SER B 108 13.86 16.24 -4.24
C SER B 108 14.11 16.48 -2.77
N MET B 109 13.05 16.87 -2.05
CA MET B 109 13.16 17.13 -0.65
C MET B 109 13.77 15.85 -0.07
N MET B 110 13.18 14.73 -0.44
CA MET B 110 13.64 13.44 0.01
C MET B 110 15.11 13.16 -0.19
N ALA B 111 15.64 13.40 -1.38
CA ALA B 111 17.06 13.12 -1.63
C ALA B 111 17.90 14.07 -0.81
N GLN B 112 17.49 15.32 -0.81
CA GLN B 112 18.16 16.32 -0.04
C GLN B 112 18.24 15.89 1.43
N LYS B 113 17.11 15.48 2.01
CA LYS B 113 17.12 15.06 3.40
C LYS B 113 17.86 13.71 3.54
N ARG B 114 18.37 13.24 2.41
CA ARG B 114 19.18 12.03 2.36
C ARG B 114 18.62 10.83 3.09
N VAL B 115 17.44 10.41 2.66
CA VAL B 115 16.74 9.26 3.21
C VAL B 115 17.52 8.03 2.83
N ASP B 116 17.66 7.11 3.76
CA ASP B 116 18.42 5.91 3.48
C ASP B 116 17.94 5.08 2.31
N GLY B 117 16.62 5.01 2.17
CA GLY B 117 15.90 4.27 1.12
C GLY B 117 14.58 5.02 0.81
N LEU B 118 13.88 4.54 -0.20
CA LEU B 118 12.64 5.10 -0.66
C LEU B 118 11.51 4.12 -1.04
N LEU B 119 10.42 4.18 -0.28
CA LEU B 119 9.23 3.38 -0.55
C LEU B 119 8.34 4.24 -1.48
N VAL B 120 7.96 3.63 -2.61
CA VAL B 120 7.13 4.29 -3.61
C VAL B 120 5.81 3.61 -3.93
N MET B 121 4.75 4.40 -3.73
CA MET B 121 3.33 4.02 -3.95
C MET B 121 2.62 5.17 -4.68
N CYS B 122 2.94 5.28 -5.96
CA CYS B 122 2.38 6.35 -6.76
C CYS B 122 1.08 6.17 -7.45
N SER B 123 0.68 4.92 -7.56
CA SER B 123 -0.59 4.56 -8.19
C SER B 123 -0.46 4.59 -9.65
N GLU B 124 -0.23 5.74 -10.24
CA GLU B 124 -0.10 5.68 -11.68
C GLU B 124 1.29 6.14 -12.10
N TYR B 125 1.91 5.42 -13.04
CA TYR B 125 3.28 5.72 -13.49
C TYR B 125 3.47 6.05 -14.94
N PRO B 126 3.19 7.27 -15.33
CA PRO B 126 3.40 7.69 -16.72
C PRO B 126 4.91 7.77 -16.92
N GLU B 127 5.35 7.79 -18.16
CA GLU B 127 6.77 7.84 -18.39
C GLU B 127 7.45 8.94 -17.63
N PRO B 128 6.91 10.13 -17.74
CA PRO B 128 7.48 11.27 -17.04
C PRO B 128 7.80 10.85 -15.61
N LEU B 129 6.91 10.12 -14.97
CA LEU B 129 7.23 9.73 -13.61
C LEU B 129 8.27 8.64 -13.58
N LEU B 130 8.21 7.73 -14.53
CA LEU B 130 9.21 6.67 -14.52
C LEU B 130 10.58 7.28 -14.67
N ALA B 131 10.59 8.35 -15.45
CA ALA B 131 11.83 9.06 -15.73
C ALA B 131 12.48 9.61 -14.44
N MET B 132 11.76 10.51 -13.78
CA MET B 132 12.18 11.13 -12.55
C MET B 132 12.75 10.05 -11.64
N LEU B 133 11.96 9.00 -11.43
CA LEU B 133 12.42 7.92 -10.59
C LEU B 133 13.82 7.42 -10.97
N GLU B 134 14.10 7.29 -12.26
CA GLU B 134 15.43 6.82 -12.66
C GLU B 134 16.50 7.74 -12.14
N GLU B 135 16.19 9.02 -12.24
CA GLU B 135 17.11 10.04 -11.81
C GLU B 135 17.54 9.85 -10.41
N TYR B 136 16.97 8.87 -9.72
CA TYR B 136 17.37 8.71 -8.35
C TYR B 136 17.73 7.32 -8.02
N ARG B 137 17.93 6.52 -9.08
CA ARG B 137 18.32 5.12 -8.86
C ARG B 137 19.41 5.01 -7.81
N HIS B 138 20.18 6.08 -7.64
CA HIS B 138 21.23 5.99 -6.69
C HIS B 138 20.66 5.78 -5.33
N ILE B 139 19.55 6.39 -5.04
CA ILE B 139 19.00 6.14 -3.71
C ILE B 139 18.20 4.87 -3.83
N PRO B 140 18.45 3.90 -2.98
CA PRO B 140 17.75 2.62 -3.02
C PRO B 140 16.27 2.78 -2.87
N MET B 141 15.50 2.00 -3.62
CA MET B 141 14.06 2.10 -3.49
C MET B 141 13.17 0.92 -3.97
N VAL B 142 12.00 0.75 -3.35
CA VAL B 142 11.13 -0.31 -3.84
C VAL B 142 9.73 0.26 -4.21
N VAL B 143 9.19 -0.16 -5.36
CA VAL B 143 7.87 0.30 -5.76
C VAL B 143 6.94 -0.78 -5.17
N MET B 144 5.91 -0.37 -4.46
CA MET B 144 5.09 -1.39 -3.89
C MET B 144 3.78 -1.59 -4.60
N ASP B 145 3.56 -0.83 -5.67
CA ASP B 145 2.31 -0.95 -6.37
C ASP B 145 2.20 -1.27 -7.87
N TRP B 146 3.14 -2.08 -8.39
CA TRP B 146 3.06 -2.43 -9.82
C TRP B 146 2.57 -3.86 -9.93
N GLY B 147 2.11 -4.21 -11.12
CA GLY B 147 1.66 -5.57 -11.29
C GLY B 147 2.84 -6.44 -11.73
N GLU B 148 3.75 -5.85 -12.51
CA GLU B 148 4.95 -6.52 -13.01
C GLU B 148 6.06 -5.52 -12.85
N ALA B 149 7.30 -5.96 -12.96
CA ALA B 149 8.41 -5.02 -12.85
C ALA B 149 8.52 -4.11 -14.09
N LYS B 150 8.29 -2.83 -13.91
CA LYS B 150 8.36 -1.89 -15.00
C LYS B 150 9.71 -1.17 -15.12
N ALA B 151 10.70 -1.59 -14.34
CA ALA B 151 12.01 -0.94 -14.36
C ALA B 151 12.94 -1.93 -13.83
N ASP B 152 14.20 -1.69 -14.08
CA ASP B 152 15.26 -2.58 -13.67
C ASP B 152 16.02 -1.89 -12.56
N PHE B 153 15.61 -0.68 -12.23
CA PHE B 153 16.36 -0.02 -11.20
C PHE B 153 15.65 0.09 -9.86
N THR B 154 14.81 -0.89 -9.53
CA THR B 154 14.09 -0.89 -8.26
C THR B 154 13.60 -2.24 -7.92
N ASP B 155 13.31 -2.40 -6.64
CA ASP B 155 12.75 -3.66 -6.24
C ASP B 155 11.23 -3.52 -6.43
N ALA B 156 10.57 -4.66 -6.43
CA ALA B 156 9.15 -4.64 -6.61
C ALA B 156 8.47 -5.70 -5.86
N VAL B 157 7.39 -5.33 -5.22
CA VAL B 157 6.68 -6.36 -4.52
C VAL B 157 5.46 -6.44 -5.43
N ILE B 158 5.09 -7.66 -5.86
CA ILE B 158 3.94 -7.87 -6.76
C ILE B 158 2.76 -8.62 -6.17
N ASP B 159 1.58 -8.04 -6.35
CA ASP B 159 0.33 -8.55 -5.77
C ASP B 159 -0.58 -9.56 -6.41
N ASN B 160 -0.40 -9.84 -7.67
CA ASN B 160 -1.29 -10.83 -8.27
C ASN B 160 -2.74 -10.37 -8.40
N ALA B 161 -2.89 -9.11 -8.70
CA ALA B 161 -4.19 -8.52 -8.87
C ALA B 161 -5.03 -9.20 -9.92
N PHE B 162 -4.37 -9.74 -10.92
CA PHE B 162 -5.08 -10.42 -11.99
C PHE B 162 -5.69 -11.71 -11.45
N GLU B 163 -4.92 -12.44 -10.67
CA GLU B 163 -5.43 -13.68 -10.14
C GLU B 163 -6.48 -13.50 -9.05
N GLY B 164 -6.56 -12.30 -8.52
CA GLY B 164 -7.53 -12.05 -7.48
C GLY B 164 -8.83 -11.75 -8.20
N GLY B 165 -8.72 -11.06 -9.33
CA GLY B 165 -9.87 -10.65 -10.16
C GLY B 165 -10.55 -11.91 -10.72
N TYR B 166 -9.73 -12.87 -11.11
CA TYR B 166 -10.20 -14.11 -11.67
C TYR B 166 -10.87 -14.82 -10.54
N MET B 167 -10.24 -14.81 -9.38
CA MET B 167 -10.90 -15.48 -8.27
C MET B 167 -12.31 -14.91 -8.07
N ALA B 168 -12.41 -13.60 -8.23
CA ALA B 168 -13.69 -12.94 -8.03
C ALA B 168 -14.78 -13.41 -8.95
N GLY B 169 -14.48 -13.39 -10.24
CA GLY B 169 -15.45 -13.81 -11.21
C GLY B 169 -15.89 -15.24 -10.96
N ARG B 170 -14.91 -16.13 -10.84
CA ARG B 170 -15.20 -17.55 -10.64
C ARG B 170 -16.25 -17.76 -9.64
N TYR B 171 -15.98 -17.19 -8.48
CA TYR B 171 -16.87 -17.32 -7.35
C TYR B 171 -18.26 -17.01 -7.82
N LEU B 172 -18.42 -15.86 -8.47
CA LEU B 172 -19.75 -15.55 -8.92
C LEU B 172 -20.36 -16.67 -9.77
N ILE B 173 -19.58 -17.08 -10.72
CA ILE B 173 -19.93 -18.09 -11.67
C ILE B 173 -20.38 -19.33 -11.01
N GLU B 174 -19.57 -19.77 -10.07
CA GLU B 174 -19.84 -20.98 -9.36
C GLU B 174 -21.02 -20.79 -8.37
N ARG B 175 -21.46 -19.56 -8.10
CA ARG B 175 -22.58 -19.43 -7.18
C ARG B 175 -23.89 -19.29 -7.93
N GLY B 176 -23.87 -19.53 -9.24
CA GLY B 176 -25.08 -19.48 -10.02
C GLY B 176 -25.27 -18.27 -10.84
N HIS B 177 -24.24 -17.47 -10.94
CA HIS B 177 -24.31 -16.21 -11.71
C HIS B 177 -23.85 -16.22 -13.22
N ARG B 178 -24.54 -15.43 -14.04
CA ARG B 178 -24.24 -15.29 -15.48
C ARG B 178 -24.52 -13.85 -15.92
N GLU B 179 -25.29 -13.08 -15.15
CA GLU B 179 -25.53 -11.69 -15.54
C GLU B 179 -24.88 -10.78 -14.51
N ILE B 180 -23.61 -10.46 -14.80
CA ILE B 180 -22.78 -9.64 -13.92
C ILE B 180 -22.30 -8.33 -14.47
N GLY B 181 -22.09 -7.43 -13.54
CA GLY B 181 -21.57 -6.13 -13.89
C GLY B 181 -20.27 -5.86 -13.11
N VAL B 182 -19.60 -4.81 -13.52
CA VAL B 182 -18.38 -4.50 -12.87
C VAL B 182 -18.08 -3.02 -12.83
N ILE B 183 -17.63 -2.64 -11.65
CA ILE B 183 -17.23 -1.30 -11.42
C ILE B 183 -15.76 -1.41 -11.11
N PRO B 184 -14.92 -1.13 -12.10
CA PRO B 184 -13.47 -1.25 -11.86
C PRO B 184 -12.92 0.09 -11.42
N GLY B 185 -11.68 0.06 -10.94
CA GLY B 185 -11.00 1.28 -10.49
C GLY B 185 -10.27 1.83 -11.72
N PRO B 186 -9.54 2.91 -11.55
CA PRO B 186 -8.81 3.54 -12.66
C PRO B 186 -7.94 2.55 -13.45
N LEU B 187 -8.13 2.52 -14.76
CA LEU B 187 -7.37 1.57 -15.60
C LEU B 187 -5.90 1.85 -15.65
N GLU B 188 -5.55 3.06 -15.26
CA GLU B 188 -4.16 3.49 -15.25
C GLU B 188 -3.40 2.95 -14.03
N ARG B 189 -4.04 2.07 -13.29
CA ARG B 189 -3.52 1.46 -12.10
C ARG B 189 -3.57 -0.03 -12.19
N ASN B 190 -2.79 -0.68 -11.35
CA ASN B 190 -2.73 -2.10 -11.34
C ASN B 190 -4.04 -2.61 -10.74
N THR B 191 -4.26 -2.18 -9.49
CA THR B 191 -5.45 -2.51 -8.74
C THR B 191 -6.67 -2.19 -9.55
N GLY B 192 -6.52 -1.34 -10.59
CA GLY B 192 -7.60 -0.97 -11.54
C GLY B 192 -7.54 -2.04 -12.68
N ALA B 193 -6.77 -1.75 -13.70
CA ALA B 193 -6.60 -2.65 -14.83
C ALA B 193 -6.48 -4.14 -14.59
N GLY B 194 -5.57 -4.49 -13.76
CA GLY B 194 -5.34 -5.89 -13.56
C GLY B 194 -6.41 -6.66 -12.89
N ARG B 195 -7.13 -6.00 -12.01
CA ARG B 195 -8.14 -6.76 -11.33
C ARG B 195 -9.19 -7.09 -12.39
N LEU B 196 -9.56 -6.07 -13.10
CA LEU B 196 -10.54 -6.20 -14.15
C LEU B 196 -10.22 -7.27 -15.14
N ALA B 197 -8.97 -7.29 -15.52
CA ALA B 197 -8.59 -8.27 -16.50
C ALA B 197 -8.72 -9.64 -15.92
N GLY B 198 -8.25 -9.82 -14.69
CA GLY B 198 -8.34 -11.12 -14.04
C GLY B 198 -9.77 -11.58 -14.15
N PHE B 199 -10.64 -10.65 -13.83
CA PHE B 199 -12.07 -10.88 -13.85
C PHE B 199 -12.59 -11.16 -15.24
N MET B 200 -12.14 -10.39 -16.20
CA MET B 200 -12.61 -10.63 -17.50
C MET B 200 -12.24 -12.05 -18.00
N LYS B 201 -11.01 -12.47 -17.82
CA LYS B 201 -10.64 -13.80 -18.28
C LYS B 201 -11.57 -14.91 -17.81
N ALA B 202 -11.91 -14.84 -16.53
CA ALA B 202 -12.78 -15.80 -15.92
C ALA B 202 -14.08 -15.94 -16.70
N MET B 203 -14.63 -14.78 -17.11
CA MET B 203 -15.88 -14.65 -17.86
C MET B 203 -15.77 -15.26 -19.24
N GLU B 204 -14.75 -14.82 -19.98
CA GLU B 204 -14.54 -15.36 -21.32
C GLU B 204 -14.45 -16.86 -21.23
N GLU B 205 -13.78 -17.37 -20.22
CA GLU B 205 -13.68 -18.80 -20.17
C GLU B 205 -15.04 -19.33 -19.96
N ALA B 206 -15.92 -18.55 -19.38
CA ALA B 206 -17.23 -19.10 -19.14
C ALA B 206 -18.22 -18.75 -20.19
N MET B 207 -17.77 -18.12 -21.25
CA MET B 207 -18.67 -17.72 -22.32
C MET B 207 -19.67 -16.69 -21.80
N ILE B 208 -19.21 -15.88 -20.84
CA ILE B 208 -20.08 -14.87 -20.34
C ILE B 208 -19.58 -13.61 -20.96
N LYS B 209 -20.51 -12.79 -21.39
CA LYS B 209 -20.20 -11.54 -22.06
C LYS B 209 -20.63 -10.33 -21.26
N VAL B 210 -19.74 -9.44 -20.94
CA VAL B 210 -20.29 -8.34 -20.23
C VAL B 210 -20.62 -7.16 -21.07
N PRO B 211 -21.91 -6.86 -21.12
CA PRO B 211 -22.50 -5.74 -21.85
C PRO B 211 -21.90 -4.48 -21.32
N GLU B 212 -21.34 -3.69 -22.21
CA GLU B 212 -20.72 -2.46 -21.78
C GLU B 212 -21.56 -1.56 -20.87
N SER B 213 -22.86 -1.67 -20.96
CA SER B 213 -23.64 -0.80 -20.08
C SER B 213 -23.55 -1.34 -18.68
N TRP B 214 -22.91 -2.48 -18.57
CA TRP B 214 -22.76 -3.10 -17.28
C TRP B 214 -21.40 -2.86 -16.67
N ILE B 215 -20.58 -2.06 -17.31
CA ILE B 215 -19.28 -1.84 -16.74
C ILE B 215 -19.07 -0.36 -16.37
N VAL B 216 -18.98 -0.05 -15.10
CA VAL B 216 -18.82 1.36 -14.85
C VAL B 216 -17.57 1.64 -14.04
N GLN B 217 -16.76 2.53 -14.60
CA GLN B 217 -15.49 2.92 -13.99
C GLN B 217 -15.72 3.61 -12.67
N GLY B 218 -14.82 3.37 -11.72
CA GLY B 218 -14.86 4.03 -10.41
C GLY B 218 -13.47 4.66 -10.23
N ASP B 219 -13.25 5.37 -9.12
CA ASP B 219 -11.97 6.01 -8.83
C ASP B 219 -11.56 5.62 -7.44
N PHE B 220 -12.08 4.49 -7.00
CA PHE B 220 -11.86 3.93 -5.65
C PHE B 220 -12.57 4.69 -4.52
N GLU B 221 -13.37 5.69 -4.85
CA GLU B 221 -14.07 6.46 -3.84
C GLU B 221 -15.56 6.15 -3.75
N PRO B 222 -16.03 6.02 -2.53
CA PRO B 222 -17.43 5.70 -2.26
C PRO B 222 -18.39 6.48 -3.15
N GLU B 223 -18.10 7.73 -3.44
CA GLU B 223 -19.04 8.41 -4.30
C GLU B 223 -19.17 7.71 -5.68
N SER B 224 -18.00 7.37 -6.25
CA SER B 224 -17.92 6.70 -7.55
C SER B 224 -18.67 5.39 -7.55
N GLY B 225 -18.62 4.68 -6.41
CA GLY B 225 -19.33 3.40 -6.26
C GLY B 225 -20.85 3.71 -6.27
N TYR B 226 -21.19 4.79 -5.60
CA TYR B 226 -22.55 5.25 -5.53
C TYR B 226 -23.03 5.39 -6.98
N ARG B 227 -22.53 6.38 -7.71
CA ARG B 227 -22.91 6.58 -9.12
C ARG B 227 -22.98 5.31 -10.01
N ALA B 228 -21.90 4.52 -10.02
CA ALA B 228 -21.92 3.32 -10.85
C ALA B 228 -23.07 2.40 -10.48
N MET B 229 -23.19 2.04 -9.22
CA MET B 229 -24.25 1.14 -8.84
C MET B 229 -25.57 1.62 -9.35
N GLN B 230 -25.80 2.91 -9.16
CA GLN B 230 -27.00 3.59 -9.59
C GLN B 230 -27.14 3.39 -11.06
N GLN B 231 -26.14 3.83 -11.80
CA GLN B 231 -26.21 3.67 -13.24
C GLN B 231 -26.49 2.23 -13.64
N ILE B 232 -25.86 1.28 -12.98
CA ILE B 232 -26.12 -0.09 -13.36
C ILE B 232 -27.54 -0.55 -13.09
N LEU B 233 -28.02 -0.32 -11.89
CA LEU B 233 -29.37 -0.75 -11.57
C LEU B 233 -30.33 0.17 -12.25
N SER B 234 -29.95 1.42 -12.46
CA SER B 234 -30.87 2.36 -13.09
C SER B 234 -31.17 2.01 -14.53
N GLN B 235 -31.20 0.72 -14.86
CA GLN B 235 -31.45 0.35 -16.25
C GLN B 235 -32.40 -0.82 -16.50
N PRO B 236 -33.10 -0.78 -17.66
CA PRO B 236 -34.11 -1.78 -18.07
C PRO B 236 -33.81 -3.15 -17.60
N HIS B 237 -32.67 -3.64 -18.10
CA HIS B 237 -32.11 -4.94 -17.81
C HIS B 237 -30.88 -4.72 -16.91
N ARG B 238 -30.81 -5.47 -15.81
CA ARG B 238 -29.69 -5.31 -14.90
C ARG B 238 -29.13 -6.65 -14.43
N PRO B 239 -27.86 -6.68 -14.04
CA PRO B 239 -27.21 -7.91 -13.60
C PRO B 239 -27.79 -8.36 -12.28
N THR B 240 -27.34 -9.54 -11.89
CA THR B 240 -27.79 -10.19 -10.69
C THR B 240 -26.63 -10.29 -9.74
N ALA B 241 -25.53 -9.70 -10.17
CA ALA B 241 -24.32 -9.73 -9.37
C ALA B 241 -23.35 -8.67 -9.88
N VAL B 242 -22.71 -8.01 -8.93
CA VAL B 242 -21.72 -7.01 -9.28
C VAL B 242 -20.35 -7.22 -8.69
N PHE B 243 -19.36 -7.07 -9.55
CA PHE B 243 -18.02 -7.21 -9.07
C PHE B 243 -17.52 -5.78 -8.88
N CYS B 244 -17.20 -5.44 -7.63
CA CYS B 244 -16.71 -4.09 -7.32
C CYS B 244 -15.20 -3.99 -6.99
N GLY B 245 -14.49 -3.24 -7.84
CA GLY B 245 -13.04 -2.99 -7.78
C GLY B 245 -12.30 -2.90 -6.46
N GLY B 246 -12.90 -2.24 -5.48
CA GLY B 246 -12.35 -2.06 -4.13
C GLY B 246 -13.49 -1.99 -3.11
N ASP B 247 -13.17 -2.36 -1.87
CA ASP B 247 -14.18 -2.32 -0.81
C ASP B 247 -14.82 -0.96 -0.54
N ILE B 248 -14.08 0.12 -0.72
CA ILE B 248 -14.77 1.37 -0.47
C ILE B 248 -15.84 1.77 -1.44
N MET B 249 -15.52 1.63 -2.71
CA MET B 249 -16.50 1.97 -3.75
C MET B 249 -17.65 1.00 -3.47
N ALA B 250 -17.27 -0.14 -2.93
CA ALA B 250 -18.27 -1.14 -2.69
C ALA B 250 -19.28 -0.63 -1.72
N MET B 251 -18.71 -0.09 -0.67
CA MET B 251 -19.49 0.42 0.37
C MET B 251 -20.37 1.47 -0.28
N GLY B 252 -19.89 2.08 -1.34
CA GLY B 252 -20.71 3.11 -1.96
C GLY B 252 -21.86 2.57 -2.77
N ALA B 253 -21.62 1.39 -3.29
CA ALA B 253 -22.55 0.72 -4.11
C ALA B 253 -23.63 0.14 -3.20
N LEU B 254 -23.24 -0.22 -1.99
CA LEU B 254 -24.27 -0.80 -1.13
C LEU B 254 -25.25 0.29 -0.86
N CYS B 255 -24.73 1.44 -0.46
CA CYS B 255 -25.58 2.59 -0.17
C CYS B 255 -26.66 2.82 -1.26
N ALA B 256 -26.24 3.13 -2.48
CA ALA B 256 -27.21 3.33 -3.53
C ALA B 256 -28.26 2.21 -3.74
N ALA B 257 -27.88 0.94 -3.62
CA ALA B 257 -28.83 -0.16 -3.81
C ALA B 257 -29.90 0.07 -2.78
N ASP B 258 -29.44 0.27 -1.55
CA ASP B 258 -30.36 0.50 -0.44
C ASP B 258 -31.22 1.67 -0.79
N GLU B 259 -30.62 2.74 -1.26
CA GLU B 259 -31.43 3.89 -1.61
C GLU B 259 -32.50 3.59 -2.68
N MET B 260 -32.24 2.69 -3.63
CA MET B 260 -33.25 2.40 -4.62
C MET B 260 -34.08 1.30 -4.00
N GLY B 261 -34.03 1.18 -2.70
CA GLY B 261 -34.80 0.10 -2.10
C GLY B 261 -34.43 -1.29 -2.61
N LEU B 262 -33.19 -1.50 -3.12
CA LEU B 262 -32.73 -2.82 -3.60
C LEU B 262 -32.14 -3.60 -2.47
N ARG B 263 -32.25 -4.92 -2.54
CA ARG B 263 -31.78 -5.77 -1.46
C ARG B 263 -30.51 -6.55 -1.65
N VAL B 264 -29.54 -6.30 -0.79
CA VAL B 264 -28.32 -7.08 -0.94
C VAL B 264 -28.20 -8.08 0.18
N PRO B 265 -27.96 -9.34 -0.16
CA PRO B 265 -27.73 -9.79 -1.49
C PRO B 265 -28.92 -10.22 -2.26
N GLN B 266 -30.06 -10.28 -1.59
CA GLN B 266 -31.33 -10.67 -2.21
C GLN B 266 -31.74 -10.12 -3.61
N ASP B 267 -31.57 -8.84 -3.83
CA ASP B 267 -31.90 -8.37 -5.15
C ASP B 267 -30.63 -8.32 -6.00
N VAL B 268 -29.48 -7.96 -5.42
CA VAL B 268 -28.19 -7.90 -6.16
C VAL B 268 -27.11 -8.39 -5.24
N SER B 269 -26.19 -9.18 -5.77
CA SER B 269 -25.09 -9.71 -5.00
C SER B 269 -23.90 -8.79 -5.22
N LEU B 270 -23.06 -8.72 -4.24
CA LEU B 270 -21.95 -7.86 -4.42
C LEU B 270 -20.66 -8.48 -3.95
N ILE B 271 -19.64 -8.40 -4.77
CA ILE B 271 -18.38 -8.92 -4.29
C ILE B 271 -17.41 -7.78 -4.48
N GLY B 272 -16.62 -7.58 -3.42
CA GLY B 272 -15.67 -6.48 -3.37
C GLY B 272 -14.24 -6.90 -3.56
N TYR B 273 -13.35 -5.99 -3.17
CA TYR B 273 -11.96 -6.31 -3.33
C TYR B 273 -11.11 -5.44 -2.49
N ASP B 274 -10.42 -6.09 -1.54
CA ASP B 274 -9.46 -5.46 -0.60
C ASP B 274 -9.41 -6.06 0.79
N ASN B 275 -10.60 -6.27 1.34
CA ASN B 275 -10.80 -6.78 2.67
C ASN B 275 -10.20 -5.75 3.57
N VAL B 276 -10.79 -4.59 3.52
CA VAL B 276 -10.36 -3.52 4.36
C VAL B 276 -10.75 -3.84 5.80
N ARG B 277 -9.99 -3.27 6.73
CA ARG B 277 -10.25 -3.49 8.14
C ARG B 277 -11.70 -3.53 8.58
N ASN B 278 -12.58 -2.75 7.96
CA ASN B 278 -13.95 -2.80 8.40
C ASN B 278 -15.03 -3.14 7.40
N ALA B 279 -14.61 -4.02 6.51
CA ALA B 279 -15.47 -4.51 5.48
C ALA B 279 -16.49 -5.42 6.11
N ARG B 280 -16.06 -6.18 7.10
CA ARG B 280 -16.98 -7.09 7.78
C ARG B 280 -18.06 -6.28 8.45
N TYR B 281 -17.75 -5.02 8.73
CA TYR B 281 -18.76 -4.28 9.36
C TYR B 281 -19.67 -3.55 8.43
N PHE B 282 -19.50 -3.84 7.14
CA PHE B 282 -20.36 -3.25 6.12
C PHE B 282 -21.68 -3.98 6.41
N THR B 283 -22.74 -3.51 5.78
CA THR B 283 -24.08 -4.04 6.00
C THR B 283 -24.65 -4.23 4.60
N PRO B 284 -24.67 -5.47 4.18
CA PRO B 284 -24.23 -6.62 4.95
C PRO B 284 -22.77 -6.79 5.02
N ALA B 285 -22.33 -7.78 5.81
CA ALA B 285 -20.90 -8.02 5.95
C ALA B 285 -20.40 -8.41 4.59
N LEU B 286 -19.51 -7.58 4.09
CA LEU B 286 -18.97 -7.75 2.77
C LEU B 286 -18.18 -8.93 2.38
N THR B 287 -18.58 -9.59 1.32
CA THR B 287 -17.76 -10.70 0.88
C THR B 287 -16.74 -10.03 -0.04
N THR B 288 -15.47 -10.38 0.11
CA THR B 288 -14.49 -9.73 -0.75
C THR B 288 -13.24 -10.55 -0.94
N ILE B 289 -12.34 -9.92 -1.70
CA ILE B 289 -11.04 -10.50 -1.95
C ILE B 289 -10.02 -9.77 -1.05
N HIS B 290 -9.32 -10.58 -0.27
CA HIS B 290 -8.37 -10.04 0.62
C HIS B 290 -7.01 -9.80 0.06
N GLN B 291 -6.52 -8.59 0.24
CA GLN B 291 -5.17 -8.22 -0.16
C GLN B 291 -4.37 -8.23 1.11
N PRO B 292 -3.24 -8.89 1.06
CA PRO B 292 -2.42 -8.98 2.23
C PRO B 292 -1.66 -7.71 2.42
N LYS B 293 -2.32 -6.69 2.96
CA LYS B 293 -1.67 -5.43 3.18
C LYS B 293 -0.36 -5.39 3.97
N ASP B 294 -0.40 -5.92 5.17
CA ASP B 294 0.77 -5.94 6.03
C ASP B 294 1.97 -6.66 5.40
N SER B 295 1.77 -7.88 4.94
CA SER B 295 2.83 -8.62 4.31
C SER B 295 3.30 -7.70 3.22
N LEU B 296 2.34 -7.02 2.58
CA LEU B 296 2.72 -6.12 1.52
C LEU B 296 3.66 -5.09 2.11
N GLY B 297 3.32 -4.58 3.28
CA GLY B 297 4.16 -3.58 3.91
C GLY B 297 5.51 -4.12 4.31
N GLU B 298 5.48 -5.05 5.26
CA GLU B 298 6.70 -5.62 5.78
C GLU B 298 7.56 -6.13 4.68
N THR B 299 6.98 -6.89 3.77
CA THR B 299 7.79 -7.41 2.69
C THR B 299 8.58 -6.32 1.89
N ALA B 300 7.98 -5.16 1.69
CA ALA B 300 8.65 -4.11 0.94
C ALA B 300 9.79 -3.59 1.77
N PHE B 301 9.47 -3.30 3.02
CA PHE B 301 10.46 -2.77 3.95
C PHE B 301 11.68 -3.63 3.87
N ASN B 302 11.40 -4.90 4.06
CA ASN B 302 12.44 -5.85 4.03
C ASN B 302 13.36 -5.82 2.82
N MET B 303 12.82 -5.75 1.63
CA MET B 303 13.71 -5.71 0.46
C MET B 303 14.60 -4.48 0.66
N LEU B 304 13.99 -3.29 0.81
CA LEU B 304 14.73 -2.04 1.05
C LEU B 304 15.87 -2.26 2.00
N LEU B 305 15.58 -2.68 3.23
CA LEU B 305 16.63 -2.92 4.20
C LEU B 305 17.79 -3.65 3.63
N ASP B 306 17.49 -4.79 3.05
CA ASP B 306 18.47 -5.64 2.40
C ASP B 306 19.38 -4.82 1.50
N ARG B 307 18.73 -4.24 0.51
CA ARG B 307 19.41 -3.43 -0.49
C ARG B 307 20.25 -2.41 0.30
N ILE B 308 19.63 -1.84 1.32
CA ILE B 308 20.33 -0.88 2.11
C ILE B 308 21.46 -1.52 2.82
N VAL B 309 21.20 -2.55 3.60
CA VAL B 309 22.33 -3.08 4.30
C VAL B 309 23.26 -3.97 3.57
N ASN B 310 22.72 -5.01 2.98
CA ASN B 310 23.60 -5.93 2.29
C ASN B 310 24.08 -5.35 0.97
N LYS B 311 23.80 -4.08 0.81
CA LYS B 311 24.20 -3.37 -0.39
C LYS B 311 23.89 -4.10 -1.67
N ARG B 312 22.69 -4.69 -1.75
CA ARG B 312 22.35 -5.39 -2.98
C ARG B 312 22.36 -4.39 -4.11
N GLU B 313 22.45 -4.88 -5.33
CA GLU B 313 22.51 -3.98 -6.47
C GLU B 313 21.48 -4.33 -7.51
N GLU B 314 21.23 -5.63 -7.57
CA GLU B 314 20.30 -6.25 -8.49
C GLU B 314 18.87 -6.09 -8.02
N PRO B 315 17.99 -5.76 -8.96
CA PRO B 315 16.59 -5.61 -8.69
C PRO B 315 16.04 -6.98 -8.26
N GLN B 316 14.99 -6.92 -7.46
CA GLN B 316 14.39 -8.11 -6.98
C GLN B 316 12.92 -7.87 -7.02
N SER B 317 12.15 -8.93 -6.82
CA SER B 317 10.70 -8.83 -6.84
C SER B 317 10.04 -10.01 -6.14
N ILE B 318 9.17 -9.69 -5.21
CA ILE B 318 8.50 -10.74 -4.49
C ILE B 318 7.06 -10.54 -4.75
N GLU B 319 6.39 -11.67 -4.97
CA GLU B 319 4.96 -11.73 -5.22
C GLU B 319 4.28 -12.06 -3.88
N VAL B 320 3.03 -11.64 -3.79
CA VAL B 320 2.22 -11.87 -2.61
C VAL B 320 0.87 -12.38 -3.11
N HIS B 321 0.07 -13.05 -2.27
CA HIS B 321 -1.23 -13.56 -2.77
C HIS B 321 -2.57 -13.23 -2.19
N PRO B 322 -3.47 -12.81 -3.07
CA PRO B 322 -4.84 -12.46 -2.68
C PRO B 322 -5.63 -13.69 -2.29
N ARG B 323 -6.77 -13.49 -1.67
CA ARG B 323 -7.53 -14.66 -1.30
C ARG B 323 -8.96 -14.24 -0.97
N LEU B 324 -9.85 -15.20 -1.21
CA LEU B 324 -11.24 -14.96 -1.05
C LEU B 324 -11.76 -15.03 0.34
N ILE B 325 -12.59 -14.03 0.67
CA ILE B 325 -13.16 -14.03 1.96
C ILE B 325 -14.62 -14.01 1.83
N GLU B 326 -15.22 -15.15 2.17
CA GLU B 326 -16.68 -15.27 2.15
C GLU B 326 -17.46 -14.59 3.31
N ARG B 327 -18.21 -13.53 3.01
CA ARG B 327 -19.01 -12.83 4.00
C ARG B 327 -20.56 -12.95 3.68
N ARG B 328 -21.30 -11.89 3.61
CA ARG B 328 -22.68 -12.17 3.33
C ARG B 328 -23.32 -11.36 2.26
N SER B 329 -22.55 -10.85 1.34
CA SER B 329 -23.15 -10.02 0.31
C SER B 329 -23.44 -10.81 -0.99
N VAL B 330 -23.17 -12.11 -0.96
CA VAL B 330 -23.42 -12.87 -2.15
C VAL B 330 -24.40 -13.95 -1.88
N ALA B 331 -25.23 -14.19 -2.89
CA ALA B 331 -26.28 -15.16 -2.86
C ALA B 331 -26.21 -16.07 -4.08
N ASP B 332 -26.89 -17.23 -4.00
CA ASP B 332 -26.88 -18.14 -5.15
C ASP B 332 -27.48 -17.49 -6.38
N GLY B 333 -27.00 -17.83 -7.55
CA GLY B 333 -27.56 -17.24 -8.75
C GLY B 333 -28.55 -18.22 -9.35
N PRO B 334 -29.25 -17.79 -10.38
CA PRO B 334 -30.23 -18.61 -11.05
C PRO B 334 -29.64 -19.91 -11.59
N PHE B 335 -28.37 -19.90 -11.99
CA PHE B 335 -27.84 -21.15 -12.49
C PHE B 335 -27.20 -22.14 -11.52
N ARG B 336 -27.18 -21.79 -10.24
CA ARG B 336 -26.56 -22.70 -9.32
C ARG B 336 -26.96 -24.17 -9.48
N ASP B 337 -28.24 -24.50 -9.42
CA ASP B 337 -28.61 -25.92 -9.53
C ASP B 337 -28.24 -26.68 -10.76
N TYR B 338 -28.04 -25.93 -11.85
CA TYR B 338 -27.68 -26.47 -13.16
C TYR B 338 -26.17 -26.53 -13.41
N ARG B 339 -25.40 -27.13 -12.51
CA ARG B 339 -23.97 -27.22 -12.67
C ARG B 339 -23.45 -28.58 -12.16
N1 HPA C . -6.81 3.62 -4.01
C2 HPA C . -7.63 3.28 -2.98
N3 HPA C . -7.96 2.04 -2.64
C4 HPA C . -7.37 1.13 -3.44
C5 HPA C . -6.53 1.35 -4.50
C6 HPA C . -6.19 2.69 -4.85
O6 HPA C . -5.44 3.13 -5.73
N7 HPA C . -6.14 0.15 -5.06
C8 HPA C . -6.73 -0.78 -4.35
N9 HPA C . -7.49 -0.24 -3.33
#